data_5DD0
#
_entry.id   5DD0
#
_cell.length_a   147.332
_cell.length_b   80.406
_cell.length_c   37.861
_cell.angle_alpha   90.00
_cell.angle_beta   102.72
_cell.angle_gamma   90.00
#
_symmetry.space_group_name_H-M   'C 1 2 1'
#
loop_
_entity.id
_entity.type
_entity.pdbx_description
1 polymer 'ANTI-HIV ANTIBODY DH570 FAB HEAVY CHAIN'
2 polymer 'ANTI-HIV ANTIBODY DH570 FAB HEAVY LIGHT'
3 polymer 'oligo peptide'
4 water water
#
loop_
_entity_poly.entity_id
_entity_poly.type
_entity_poly.pdbx_seq_one_letter_code
_entity_poly.pdbx_strand_id
1 'polypeptide(L)'
;QVQLQESGPGLVKPSETLSVTCAVSGVSFSSFWWGWIRQSPGKGLEWIGTIYGSSGRGEYNPSLKSRTTISRDTSKSQIS
LELTSVTAADTAIYYCSRGLFQPNGFSFTLTSYWFDVWGPGVPVTVSSASTKGPSVFPLAPSSRSTSESTAALGCLVKDY
FPEPVTVSWNSGSLTSGVHTFPAVLQSSGLYSLSSVVTVPSSSLGTQTYVCNVNHKPSNTKVDKRVEIKTCGG
;
H
2 'polypeptide(L)'
;DIQVTQSPSSLSASVGDTVTISCRTSQSISTWLAWYQVKPGKAPKLLIYTASSLASGVPSRFSGSGSGTDFTLTISSLQS
EDFATYYCQQYISLPPTFGLGTKVEIKRAVAAPSVFIFPPSEDQVKSGTVSVVCLLNNFYPREASVKWKVDGVLKTGNSQ
ESVTEQDSKDNTYSLSSTLTLSNTDYQSHNVYACEVTHQGLSSPVTKSFNRGEC
;
L
3 'polypeptide(L)' (ACE)LLELDKWASLW(NH2) P
#
# COMPACT_ATOMS: atom_id res chain seq x y z
N GLN A 1 -21.11 -16.54 7.51
CA GLN A 1 -21.20 -16.57 8.96
C GLN A 1 -20.80 -15.23 9.57
N VAL A 2 -19.57 -15.13 10.06
CA VAL A 2 -19.11 -13.89 10.68
C VAL A 2 -18.85 -12.83 9.61
N GLN A 3 -19.33 -11.62 9.87
CA GLN A 3 -19.17 -10.51 8.96
C GLN A 3 -18.84 -9.23 9.72
N LEU A 4 -17.74 -8.60 9.34
CA LEU A 4 -17.26 -7.38 10.00
C LEU A 4 -17.41 -6.18 9.06
N GLN A 5 -17.48 -4.98 9.64
N GLN A 5 -17.43 -4.98 9.65
CA GLN A 5 -17.59 -3.77 8.85
CA GLN A 5 -17.64 -3.76 8.88
C GLN A 5 -17.13 -2.56 9.65
C GLN A 5 -17.14 -2.55 9.66
N GLU A 6 -15.98 -2.02 9.25
CA GLU A 6 -15.38 -0.89 9.95
C GLU A 6 -16.04 0.43 9.55
N SER A 7 -16.02 1.38 10.49
CA SER A 7 -16.54 2.71 10.25
C SER A 7 -15.68 3.73 10.97
N GLY A 8 -15.65 4.95 10.46
CA GLY A 8 -14.87 6.01 11.07
C GLY A 8 -14.67 7.15 10.11
N PRO A 9 -14.00 8.22 10.56
CA PRO A 9 -13.75 9.37 9.70
C PRO A 9 -12.73 9.06 8.62
N GLY A 10 -12.39 10.06 7.81
CA GLY A 10 -11.32 9.93 6.84
C GLY A 10 -10.14 10.77 7.27
N LEU A 11 -10.43 11.87 7.95
CA LEU A 11 -9.42 12.84 8.35
C LEU A 11 -9.42 13.08 9.85
N VAL A 12 -8.22 13.12 10.43
CA VAL A 12 -8.03 13.50 11.82
C VAL A 12 -6.85 14.45 11.89
N LYS A 13 -6.96 15.49 12.71
CA LYS A 13 -5.86 16.43 12.89
C LYS A 13 -4.91 15.91 13.97
N PRO A 14 -3.61 16.21 13.85
CA PRO A 14 -2.65 15.78 14.87
C PRO A 14 -3.06 16.22 16.28
N SER A 15 -2.74 15.38 17.27
CA SER A 15 -3.02 15.64 18.68
C SER A 15 -4.49 15.36 19.06
N GLU A 16 -5.37 15.28 18.05
CA GLU A 16 -6.76 14.94 18.31
C GLU A 16 -6.93 13.43 18.47
N THR A 17 -8.15 12.99 18.69
CA THR A 17 -8.44 11.58 18.93
C THR A 17 -9.01 10.90 17.69
N LEU A 18 -8.45 9.73 17.38
CA LEU A 18 -8.93 8.92 16.25
C LEU A 18 -9.94 7.88 16.76
N SER A 19 -11.15 7.96 16.23
CA SER A 19 -12.24 7.06 16.62
C SER A 19 -12.76 6.28 15.43
N VAL A 20 -12.54 4.97 15.44
CA VAL A 20 -13.13 4.08 14.45
C VAL A 20 -14.01 3.06 15.15
N THR A 21 -14.99 2.54 14.41
CA THR A 21 -15.98 1.62 14.96
C THR A 21 -16.04 0.37 14.10
N CYS A 22 -16.41 -0.75 14.72
CA CYS A 22 -16.54 -2.02 14.02
C CYS A 22 -17.84 -2.71 14.40
N ALA A 23 -18.64 -3.06 13.39
CA ALA A 23 -19.89 -3.77 13.62
C ALA A 23 -19.74 -5.24 13.25
N VAL A 24 -19.95 -6.12 14.22
CA VAL A 24 -19.88 -7.56 13.99
C VAL A 24 -21.30 -8.10 13.90
N SER A 25 -21.46 -9.21 13.19
CA SER A 25 -22.76 -9.84 13.03
C SER A 25 -22.61 -11.27 12.53
N GLY A 26 -23.69 -12.04 12.65
CA GLY A 26 -23.69 -13.42 12.19
C GLY A 26 -23.08 -14.37 13.20
N VAL A 27 -22.99 -13.92 14.45
CA VAL A 27 -22.43 -14.73 15.53
C VAL A 27 -22.67 -14.06 16.88
N SER A 28 -22.56 -14.83 17.95
CA SER A 28 -22.65 -14.28 19.30
C SER A 28 -21.44 -13.40 19.62
N PHE A 29 -21.69 -12.10 19.74
CA PHE A 29 -20.65 -11.12 19.98
C PHE A 29 -19.97 -11.33 21.34
N SER A 30 -20.73 -11.83 22.31
CA SER A 30 -20.23 -12.01 23.67
C SER A 30 -19.36 -13.26 23.84
N SER A 31 -19.43 -14.18 22.88
CA SER A 31 -18.76 -15.47 23.00
C SER A 31 -17.36 -15.49 22.38
N PHE A 32 -16.92 -14.35 21.85
CA PHE A 32 -15.63 -14.27 21.19
C PHE A 32 -14.88 -12.98 21.54
N TRP A 33 -13.61 -12.93 21.10
CA TRP A 33 -12.77 -11.76 21.31
C TRP A 33 -12.64 -10.98 20.01
N TRP A 34 -12.65 -9.66 20.12
CA TRP A 34 -12.59 -8.78 18.95
C TRP A 34 -11.54 -7.69 19.17
N GLY A 35 -10.91 -7.26 18.09
CA GLY A 35 -9.82 -6.29 18.19
C GLY A 35 -9.52 -5.53 16.93
N TRP A 36 -8.41 -4.79 16.94
CA TRP A 36 -8.03 -3.93 15.84
C TRP A 36 -6.61 -4.21 15.36
N ILE A 37 -6.45 -4.22 14.04
CA ILE A 37 -5.14 -4.32 13.40
C ILE A 37 -5.04 -3.23 12.34
N ARG A 38 -3.83 -2.76 12.07
CA ARG A 38 -3.64 -1.69 11.08
C ARG A 38 -2.39 -1.90 10.23
N GLN A 39 -2.39 -1.31 9.04
CA GLN A 39 -1.21 -1.27 8.18
C GLN A 39 -0.94 0.13 7.65
N SER A 40 0.26 0.63 7.92
CA SER A 40 0.66 1.96 7.48
C SER A 40 1.00 1.92 5.98
N PRO A 41 1.01 3.09 5.33
CA PRO A 41 1.16 3.18 3.86
C PRO A 41 2.30 2.36 3.28
N GLY A 42 3.38 2.19 4.03
CA GLY A 42 4.51 1.40 3.57
C GLY A 42 5.01 0.42 4.61
N LYS A 43 4.67 0.71 5.87
CA LYS A 43 5.10 -0.14 6.98
C LYS A 43 4.17 -1.35 7.11
N GLY A 44 4.58 -2.34 7.88
CA GLY A 44 3.87 -3.60 7.95
C GLY A 44 2.58 -3.56 8.74
N LEU A 45 2.01 -4.74 8.97
CA LEU A 45 0.82 -4.89 9.79
C LEU A 45 1.16 -4.73 11.27
N GLU A 46 0.26 -4.10 12.02
CA GLU A 46 0.49 -3.84 13.43
C GLU A 46 -0.78 -4.09 14.25
N TRP A 47 -0.72 -5.10 15.11
CA TRP A 47 -1.81 -5.40 16.03
C TRP A 47 -1.90 -4.30 17.08
N ILE A 48 -3.12 -3.80 17.32
CA ILE A 48 -3.35 -2.70 18.26
C ILE A 48 -3.82 -3.24 19.61
N GLY A 49 -4.85 -4.06 19.58
CA GLY A 49 -5.42 -4.60 20.80
C GLY A 49 -6.63 -5.47 20.55
N THR A 50 -6.95 -6.33 21.50
CA THR A 50 -8.09 -7.23 21.39
C THR A 50 -8.75 -7.34 22.75
N ILE A 51 -10.08 -7.45 22.76
CA ILE A 51 -10.84 -7.50 24.00
C ILE A 51 -11.91 -8.58 23.96
N TYR A 52 -12.36 -8.99 25.14
CA TYR A 52 -13.42 -9.99 25.27
C TYR A 52 -14.79 -9.34 25.09
N GLY A 53 -15.64 -9.98 24.30
CA GLY A 53 -16.95 -9.44 24.00
C GLY A 53 -17.85 -9.31 25.22
N SER A 54 -17.62 -10.16 26.23
CA SER A 54 -18.44 -10.15 27.43
C SER A 54 -17.97 -9.12 28.46
N SER A 55 -16.70 -9.19 28.84
CA SER A 55 -16.19 -8.39 29.95
C SER A 55 -15.65 -7.04 29.49
N GLY A 56 -15.22 -6.96 28.25
CA GLY A 56 -14.59 -5.76 27.73
C GLY A 56 -13.11 -5.70 28.09
N ARG A 57 -12.67 -6.62 28.95
CA ARG A 57 -11.26 -6.72 29.30
C ARG A 57 -10.47 -7.20 28.08
N GLY A 58 -9.16 -6.96 28.08
CA GLY A 58 -8.34 -7.38 26.97
C GLY A 58 -6.89 -6.98 27.09
N GLU A 59 -6.21 -6.88 25.94
CA GLU A 59 -4.78 -6.61 25.88
C GLU A 59 -4.44 -5.67 24.74
N TYR A 60 -3.54 -4.74 25.00
CA TYR A 60 -3.13 -3.74 24.02
C TYR A 60 -1.66 -3.93 23.62
N ASN A 61 -1.31 -3.40 22.46
CA ASN A 61 0.09 -3.34 22.05
C ASN A 61 0.85 -2.43 23.00
N PRO A 62 1.94 -2.93 23.63
CA PRO A 62 2.66 -2.11 24.60
C PRO A 62 3.12 -0.76 24.05
N SER A 63 3.34 -0.69 22.74
CA SER A 63 3.84 0.54 22.11
C SER A 63 2.73 1.56 21.88
N LEU A 64 1.49 1.09 21.89
CA LEU A 64 0.32 1.95 21.70
C LEU A 64 -0.59 1.96 22.92
N LYS A 65 -0.22 1.18 23.93
CA LYS A 65 -1.08 0.95 25.10
C LYS A 65 -1.51 2.23 25.79
N SER A 66 -0.62 3.22 25.86
CA SER A 66 -0.90 4.45 26.60
C SER A 66 -1.94 5.32 25.90
N ARG A 67 -2.00 5.22 24.57
CA ARG A 67 -2.90 6.05 23.77
C ARG A 67 -4.15 5.29 23.33
N THR A 68 -4.18 3.98 23.59
CA THR A 68 -5.24 3.12 23.08
C THR A 68 -6.35 2.92 24.10
N THR A 69 -7.58 2.85 23.60
CA THR A 69 -8.74 2.45 24.39
C THR A 69 -9.72 1.71 23.49
N ILE A 70 -9.82 0.40 23.68
CA ILE A 70 -10.76 -0.42 22.91
C ILE A 70 -11.97 -0.75 23.76
N SER A 71 -13.13 -0.21 23.37
CA SER A 71 -14.37 -0.39 24.11
C SER A 71 -15.30 -1.36 23.39
N ARG A 72 -16.39 -1.71 24.05
CA ARG A 72 -17.40 -2.61 23.47
C ARG A 72 -18.80 -2.07 23.70
N ASP A 73 -19.76 -2.57 22.92
CA ASP A 73 -21.16 -2.23 23.08
C ASP A 73 -22.00 -3.42 22.65
N THR A 74 -22.54 -4.13 23.64
CA THR A 74 -23.23 -5.40 23.40
C THR A 74 -24.51 -5.21 22.58
N SER A 75 -25.12 -4.04 22.70
CA SER A 75 -26.35 -3.73 21.96
C SER A 75 -26.11 -3.84 20.45
N LYS A 76 -25.20 -3.02 19.94
CA LYS A 76 -24.91 -2.98 18.52
C LYS A 76 -24.02 -4.14 18.07
N SER A 77 -23.59 -4.97 19.02
CA SER A 77 -22.56 -5.97 18.77
C SER A 77 -21.39 -5.26 18.09
N GLN A 78 -20.73 -4.38 18.85
CA GLN A 78 -19.87 -3.36 18.29
C GLN A 78 -18.71 -3.02 19.21
N ILE A 79 -17.53 -2.82 18.62
CA ILE A 79 -16.37 -2.36 19.36
C ILE A 79 -15.86 -1.05 18.74
N SER A 80 -15.12 -0.28 19.52
CA SER A 80 -14.61 1.01 19.08
C SER A 80 -13.17 1.21 19.55
N LEU A 81 -12.37 1.86 18.71
CA LEU A 81 -10.98 2.17 19.03
C LEU A 81 -10.81 3.66 19.21
N GLU A 82 -10.38 4.06 20.41
CA GLU A 82 -10.09 5.46 20.70
C GLU A 82 -8.59 5.64 20.84
N LEU A 83 -7.95 6.16 19.78
CA LEU A 83 -6.52 6.41 19.79
C LEU A 83 -6.26 7.90 19.99
N THR A 84 -5.72 8.25 21.15
CA THR A 84 -5.52 9.65 21.52
C THR A 84 -4.17 10.18 21.04
N SER A 85 -4.09 11.50 20.88
CA SER A 85 -2.85 12.20 20.53
C SER A 85 -2.17 11.60 19.30
N VAL A 86 -2.93 11.46 18.21
CA VAL A 86 -2.41 10.87 17.00
C VAL A 86 -1.46 11.81 16.25
N THR A 87 -0.60 11.23 15.42
CA THR A 87 0.26 11.98 14.53
C THR A 87 0.18 11.37 13.13
N ALA A 88 0.99 11.88 12.20
CA ALA A 88 0.99 11.36 10.84
C ALA A 88 1.34 9.88 10.81
N ALA A 89 2.07 9.42 11.82
CA ALA A 89 2.47 8.03 11.93
C ALA A 89 1.27 7.10 12.07
N ASP A 90 0.16 7.66 12.58
CA ASP A 90 -1.04 6.88 12.79
C ASP A 90 -1.93 6.81 11.54
N THR A 91 -1.42 7.35 10.43
CA THR A 91 -2.09 7.21 9.15
C THR A 91 -1.99 5.76 8.71
N ALA A 92 -3.15 5.12 8.49
CA ALA A 92 -3.17 3.71 8.14
C ALA A 92 -4.56 3.23 7.77
N ILE A 93 -4.62 2.01 7.23
CA ILE A 93 -5.89 1.28 7.08
C ILE A 93 -6.15 0.52 8.37
N TYR A 94 -7.32 0.72 8.98
CA TYR A 94 -7.66 0.08 10.24
C TYR A 94 -8.65 -1.05 10.05
N TYR A 95 -8.21 -2.27 10.34
CA TYR A 95 -9.04 -3.46 10.24
C TYR A 95 -9.63 -3.86 11.59
N CYS A 96 -10.86 -4.35 11.57
CA CYS A 96 -11.45 -5.03 12.71
C CYS A 96 -11.21 -6.52 12.53
N SER A 97 -11.18 -7.27 13.63
CA SER A 97 -10.87 -8.69 13.54
C SER A 97 -11.30 -9.48 14.77
N ARG A 98 -11.44 -10.78 14.59
CA ARG A 98 -11.66 -11.70 15.71
C ARG A 98 -10.33 -12.30 16.15
N GLY A 99 -10.12 -12.35 17.46
CA GLY A 99 -8.89 -12.88 18.02
C GLY A 99 -9.11 -14.24 18.64
N LEU A 100 -8.75 -15.28 17.91
CA LEU A 100 -8.80 -16.64 18.45
C LEU A 100 -7.50 -16.94 19.19
N PHE A 101 -7.58 -17.77 20.22
CA PHE A 101 -6.40 -18.24 20.92
C PHE A 101 -6.55 -19.70 21.29
N GLN A 102 -5.45 -20.33 21.65
CA GLN A 102 -5.40 -21.77 21.86
C GLN A 102 -4.64 -22.09 23.15
N PRO A 103 -4.99 -23.21 23.81
CA PRO A 103 -4.16 -23.64 24.93
C PRO A 103 -2.76 -24.03 24.49
N ASN A 104 -1.75 -23.34 25.02
CA ASN A 104 -0.36 -23.67 24.74
C ASN A 104 0.06 -24.86 25.60
N GLY A 105 -0.53 -26.01 25.33
CA GLY A 105 -0.39 -27.18 26.17
C GLY A 105 1.05 -27.63 26.37
N PHE A 106 1.30 -28.48 27.37
CA PHE A 106 0.25 -29.02 28.24
C PHE A 106 -0.10 -28.08 29.38
N SER A 107 0.59 -26.93 29.45
CA SER A 107 0.40 -25.98 30.54
C SER A 107 -0.98 -25.35 30.53
N PHE A 108 -1.34 -24.71 31.63
CA PHE A 108 -2.60 -23.98 31.74
C PHE A 108 -2.43 -22.55 31.22
N THR A 109 -1.49 -22.38 30.31
CA THR A 109 -1.26 -21.09 29.65
C THR A 109 -1.97 -21.08 28.30
N LEU A 110 -1.98 -19.91 27.67
CA LEU A 110 -2.64 -19.74 26.38
C LEU A 110 -1.71 -19.08 25.38
N THR A 111 -1.95 -19.36 24.10
CA THR A 111 -1.24 -18.69 23.02
C THR A 111 -1.75 -17.27 22.93
N SER A 112 -1.08 -16.45 22.11
CA SER A 112 -1.59 -15.11 21.82
C SER A 112 -2.63 -15.22 20.71
N TYR A 113 -3.00 -14.09 20.11
CA TYR A 113 -4.10 -14.07 19.16
C TYR A 113 -3.66 -14.33 17.72
N TRP A 114 -4.44 -15.14 17.02
CA TRP A 114 -4.38 -15.21 15.57
C TRP A 114 -5.78 -14.91 15.04
N PHE A 115 -5.88 -14.53 13.78
CA PHE A 115 -7.09 -13.87 13.29
C PHE A 115 -7.72 -14.60 12.12
N ASP A 116 -8.93 -15.13 12.35
CA ASP A 116 -9.61 -15.97 11.37
C ASP A 116 -10.59 -15.19 10.49
N VAL A 117 -10.99 -14.00 10.95
CA VAL A 117 -11.84 -13.14 10.14
C VAL A 117 -11.45 -11.67 10.31
N TRP A 118 -11.33 -10.98 9.18
CA TRP A 118 -11.00 -9.57 9.13
C TRP A 118 -12.11 -8.81 8.40
N GLY A 119 -12.22 -7.52 8.67
CA GLY A 119 -13.12 -6.67 7.91
C GLY A 119 -12.38 -6.07 6.72
N PRO A 120 -13.11 -5.42 5.80
CA PRO A 120 -12.47 -4.80 4.63
C PRO A 120 -11.49 -3.69 5.02
N GLY A 121 -11.69 -3.13 6.20
CA GLY A 121 -10.83 -2.08 6.71
C GLY A 121 -11.27 -0.71 6.23
N VAL A 122 -11.04 0.30 7.07
CA VAL A 122 -11.36 1.68 6.72
C VAL A 122 -10.08 2.50 6.70
N PRO A 123 -9.87 3.32 5.65
CA PRO A 123 -8.66 4.14 5.61
C PRO A 123 -8.81 5.41 6.45
N VAL A 124 -7.73 5.79 7.12
CA VAL A 124 -7.72 7.01 7.92
C VAL A 124 -6.39 7.73 7.76
N THR A 125 -6.47 9.03 7.46
CA THR A 125 -5.28 9.85 7.28
C THR A 125 -5.22 10.90 8.37
N VAL A 126 -4.05 11.01 9.01
CA VAL A 126 -3.80 12.03 10.03
C VAL A 126 -2.96 13.15 9.43
N SER A 127 -3.52 14.36 9.40
CA SER A 127 -2.84 15.50 8.81
C SER A 127 -3.48 16.81 9.25
N SER A 128 -2.66 17.86 9.29
CA SER A 128 -3.14 19.20 9.63
C SER A 128 -3.41 20.03 8.38
N ALA A 129 -3.15 19.44 7.23
CA ALA A 129 -3.34 20.12 5.95
C ALA A 129 -4.80 20.44 5.72
N SER A 130 -5.06 21.56 5.04
CA SER A 130 -6.42 21.98 4.72
C SER A 130 -6.80 21.48 3.33
N THR A 131 -8.11 21.44 3.07
CA THR A 131 -8.61 21.01 1.77
C THR A 131 -8.15 21.95 0.67
N LYS A 132 -7.60 21.39 -0.40
CA LYS A 132 -7.08 22.17 -1.50
C LYS A 132 -7.12 21.40 -2.81
N GLY A 133 -7.59 22.06 -3.87
CA GLY A 133 -7.68 21.44 -5.18
C GLY A 133 -6.34 21.45 -5.89
N PRO A 134 -6.14 20.52 -6.83
CA PRO A 134 -4.85 20.35 -7.51
C PRO A 134 -4.58 21.39 -8.60
N SER A 135 -3.30 21.61 -8.88
CA SER A 135 -2.89 22.37 -10.05
C SER A 135 -2.54 21.38 -11.16
N VAL A 136 -3.07 21.61 -12.36
CA VAL A 136 -2.85 20.71 -13.48
C VAL A 136 -1.95 21.37 -14.52
N PHE A 137 -0.81 20.73 -14.78
CA PHE A 137 0.13 21.19 -15.80
C PHE A 137 0.35 20.08 -16.83
N PRO A 138 0.42 20.45 -18.12
CA PRO A 138 0.56 19.43 -19.17
C PRO A 138 1.99 18.89 -19.27
N LEU A 139 2.11 17.62 -19.62
CA LEU A 139 3.40 16.98 -19.90
C LEU A 139 3.48 16.63 -21.38
N ALA A 140 4.26 17.39 -22.13
CA ALA A 140 4.37 17.21 -23.57
C ALA A 140 5.83 17.08 -24.01
N PRO A 141 6.06 16.52 -25.22
CA PRO A 141 7.43 16.37 -25.75
C PRO A 141 8.16 17.71 -25.86
N SER A 149 8.08 7.19 -34.01
CA SER A 149 6.77 6.63 -34.37
C SER A 149 5.85 6.59 -33.15
N THR A 150 6.43 6.48 -31.97
CA THR A 150 5.68 6.47 -30.71
C THR A 150 6.05 7.70 -29.89
N ALA A 151 5.06 8.24 -29.18
CA ALA A 151 5.26 9.43 -28.36
C ALA A 151 4.45 9.36 -27.07
N ALA A 152 4.96 10.00 -26.03
CA ALA A 152 4.32 10.02 -24.72
C ALA A 152 3.89 11.43 -24.35
N LEU A 153 2.84 11.52 -23.53
CA LEU A 153 2.36 12.79 -23.01
C LEU A 153 1.52 12.54 -21.77
N GLY A 154 1.34 13.56 -20.95
CA GLY A 154 0.60 13.40 -19.71
C GLY A 154 0.19 14.69 -19.04
N CYS A 155 -0.15 14.60 -17.77
CA CYS A 155 -0.54 15.75 -16.96
C CYS A 155 0.05 15.62 -15.55
N LEU A 156 0.46 16.75 -14.99
CA LEU A 156 0.99 16.80 -13.64
C LEU A 156 -0.05 17.36 -12.68
N VAL A 157 -0.58 16.49 -11.83
CA VAL A 157 -1.57 16.88 -10.82
C VAL A 157 -0.90 16.95 -9.46
N LYS A 158 -0.63 18.17 -8.98
CA LYS A 158 0.11 18.35 -7.73
C LYS A 158 -0.52 19.37 -6.79
N ASP A 159 0.00 19.40 -5.56
CA ASP A 159 -0.41 20.36 -4.54
C ASP A 159 -1.91 20.28 -4.24
N TYR A 160 -2.37 19.09 -3.90
CA TYR A 160 -3.76 18.89 -3.53
C TYR A 160 -3.89 18.08 -2.25
N PHE A 161 -4.97 18.32 -1.52
CA PHE A 161 -5.26 17.58 -0.30
C PHE A 161 -6.76 17.59 -0.03
N PRO A 162 -7.32 16.46 0.44
CA PRO A 162 -6.68 15.16 0.69
C PRO A 162 -6.80 14.24 -0.52
N GLU A 163 -6.33 13.00 -0.36
CA GLU A 163 -6.52 12.00 -1.39
C GLU A 163 -8.01 11.70 -1.56
N PRO A 164 -8.42 11.20 -2.73
CA PRO A 164 -7.65 10.98 -3.96
C PRO A 164 -8.04 11.96 -5.07
N VAL A 165 -7.30 11.95 -6.17
CA VAL A 165 -7.73 12.61 -7.39
C VAL A 165 -7.99 11.55 -8.45
N THR A 166 -8.93 11.82 -9.34
CA THR A 166 -9.23 10.92 -10.45
C THR A 166 -8.75 11.57 -11.73
N VAL A 167 -8.19 10.77 -12.63
CA VAL A 167 -7.69 11.27 -13.91
C VAL A 167 -8.11 10.36 -15.06
N SER A 168 -8.85 10.93 -16.00
CA SER A 168 -9.24 10.22 -17.21
C SER A 168 -8.74 10.98 -18.43
N TRP A 169 -8.74 10.32 -19.57
CA TRP A 169 -8.31 10.93 -20.83
C TRP A 169 -9.43 10.92 -21.86
N ASN A 170 -9.76 12.09 -22.37
CA ASN A 170 -10.88 12.26 -23.30
C ASN A 170 -12.15 11.67 -22.71
N SER A 171 -12.43 12.03 -21.46
CA SER A 171 -13.64 11.62 -20.78
C SER A 171 -13.74 10.09 -20.67
N GLY A 172 -12.59 9.43 -20.60
CA GLY A 172 -12.54 7.99 -20.42
C GLY A 172 -12.52 7.22 -21.73
N SER A 173 -12.65 7.94 -22.85
CA SER A 173 -12.68 7.29 -24.16
C SER A 173 -11.28 6.89 -24.62
N LEU A 174 -10.27 7.28 -23.84
CA LEU A 174 -8.89 6.92 -24.12
C LEU A 174 -8.29 6.24 -22.89
N THR A 175 -8.03 4.94 -23.00
CA THR A 175 -7.54 4.14 -21.88
C THR A 175 -6.32 3.30 -22.24
N SER A 176 -6.16 3.04 -23.54
CA SER A 176 -5.03 2.24 -24.02
C SER A 176 -3.71 2.98 -23.78
N GLY A 177 -2.81 2.33 -23.05
CA GLY A 177 -1.49 2.88 -22.81
C GLY A 177 -1.46 3.90 -21.68
N VAL A 178 -2.58 4.07 -20.99
CA VAL A 178 -2.68 5.04 -19.90
C VAL A 178 -2.04 4.50 -18.63
N HIS A 179 -1.29 5.36 -17.95
CA HIS A 179 -0.70 5.04 -16.66
C HIS A 179 -0.88 6.22 -15.71
N THR A 180 -1.55 6.00 -14.59
CA THR A 180 -1.68 7.00 -13.55
C THR A 180 -0.91 6.55 -12.32
N PHE A 181 0.14 7.29 -11.97
CA PHE A 181 1.06 6.87 -10.92
C PHE A 181 0.48 7.10 -9.54
N PRO A 182 0.88 6.28 -8.56
CA PRO A 182 0.48 6.52 -7.17
C PRO A 182 0.92 7.89 -6.69
N ALA A 183 0.09 8.54 -5.89
CA ALA A 183 0.40 9.85 -5.34
C ALA A 183 1.53 9.76 -4.33
N VAL A 184 2.47 10.71 -4.42
CA VAL A 184 3.53 10.85 -3.43
C VAL A 184 3.21 12.03 -2.54
N LEU A 185 3.41 11.85 -1.23
CA LEU A 185 3.18 12.93 -0.28
C LEU A 185 4.39 13.85 -0.21
N GLN A 186 4.26 15.03 -0.80
CA GLN A 186 5.36 15.98 -0.82
C GLN A 186 5.63 16.52 0.59
N SER A 187 6.78 17.16 0.76
CA SER A 187 7.19 17.67 2.06
C SER A 187 6.23 18.72 2.62
N SER A 188 5.36 19.25 1.76
CA SER A 188 4.44 20.31 2.14
C SER A 188 3.16 19.78 2.79
N GLY A 189 2.99 18.47 2.76
CA GLY A 189 1.77 17.85 3.27
C GLY A 189 0.74 17.66 2.17
N LEU A 190 1.03 18.21 0.99
CA LEU A 190 0.14 18.06 -0.16
C LEU A 190 0.59 16.90 -1.03
N TYR A 191 -0.35 16.33 -1.78
CA TYR A 191 -0.06 15.18 -2.63
C TYR A 191 0.23 15.62 -4.07
N SER A 192 0.84 14.72 -4.83
CA SER A 192 1.18 15.00 -6.22
C SER A 192 1.38 13.72 -7.01
N LEU A 193 0.85 13.68 -8.22
CA LEU A 193 1.06 12.56 -9.12
C LEU A 193 1.09 13.04 -10.56
N SER A 194 1.45 12.13 -11.45
CA SER A 194 1.37 12.37 -12.89
C SER A 194 0.61 11.24 -13.55
N SER A 195 -0.08 11.57 -14.64
CA SER A 195 -0.76 10.57 -15.45
C SER A 195 -0.28 10.70 -16.88
N VAL A 196 0.26 9.62 -17.43
CA VAL A 196 0.80 9.63 -18.79
C VAL A 196 0.05 8.64 -19.67
N VAL A 197 0.23 8.79 -20.98
CA VAL A 197 -0.37 7.89 -21.95
C VAL A 197 0.47 7.88 -23.22
N THR A 198 0.69 6.68 -23.76
CA THR A 198 1.46 6.54 -24.99
C THR A 198 0.51 6.61 -26.18
N VAL A 199 0.92 7.35 -27.21
CA VAL A 199 0.11 7.54 -28.40
C VAL A 199 0.98 7.58 -29.65
N PRO A 200 0.40 7.26 -30.82
CA PRO A 200 1.19 7.34 -32.06
C PRO A 200 1.62 8.77 -32.34
N SER A 201 2.90 8.96 -32.64
CA SER A 201 3.45 10.30 -32.89
C SER A 201 2.89 10.89 -34.18
N SER A 202 2.27 10.05 -35.01
CA SER A 202 1.71 10.50 -36.27
C SER A 202 0.38 11.23 -36.07
N SER A 203 -0.34 10.86 -35.01
CA SER A 203 -1.65 11.45 -34.72
C SER A 203 -1.51 12.79 -33.99
N LEU A 204 -0.30 13.11 -33.54
CA LEU A 204 -0.05 14.37 -32.86
C LEU A 204 -0.16 15.54 -33.84
N GLY A 205 -0.74 16.64 -33.39
CA GLY A 205 -0.95 17.80 -34.23
C GLY A 205 -2.35 17.81 -34.81
N THR A 206 -2.95 16.64 -34.91
CA THR A 206 -4.32 16.49 -35.40
C THR A 206 -5.25 16.01 -34.29
N GLN A 207 -4.89 14.88 -33.68
CA GLN A 207 -5.67 14.34 -32.57
C GLN A 207 -5.60 15.27 -31.36
N THR A 208 -6.71 15.34 -30.62
CA THR A 208 -6.78 16.15 -29.41
C THR A 208 -6.69 15.27 -28.18
N TYR A 209 -5.87 15.68 -27.22
CA TYR A 209 -5.71 14.94 -25.97
C TYR A 209 -5.98 15.84 -24.77
N VAL A 210 -6.98 15.47 -23.99
CA VAL A 210 -7.38 16.22 -22.81
C VAL A 210 -7.47 15.31 -21.60
N CYS A 211 -6.72 15.64 -20.55
CA CYS A 211 -6.82 14.91 -19.29
C CYS A 211 -7.89 15.56 -18.41
N ASN A 212 -8.79 14.74 -17.90
CA ASN A 212 -9.86 15.21 -17.04
C ASN A 212 -9.55 14.92 -15.58
N VAL A 213 -9.18 15.95 -14.83
CA VAL A 213 -8.82 15.81 -13.44
C VAL A 213 -9.99 16.22 -12.55
N ASN A 214 -10.40 15.32 -11.67
CA ASN A 214 -11.53 15.56 -10.77
C ASN A 214 -11.14 15.30 -9.32
N HIS A 215 -11.35 16.29 -8.46
CA HIS A 215 -11.01 16.20 -7.05
C HIS A 215 -12.26 16.39 -6.19
N LYS A 216 -13.00 15.30 -5.98
CA LYS A 216 -14.27 15.33 -5.26
C LYS A 216 -14.23 16.11 -3.94
N PRO A 217 -13.25 15.79 -3.06
CA PRO A 217 -13.26 16.44 -1.74
C PRO A 217 -13.08 17.96 -1.77
N SER A 218 -12.88 18.54 -2.95
CA SER A 218 -12.76 19.98 -3.09
C SER A 218 -13.41 20.49 -4.37
N ASN A 219 -14.37 19.73 -4.89
CA ASN A 219 -15.17 20.16 -6.05
C ASN A 219 -14.40 20.30 -7.36
N THR A 220 -13.20 20.90 -7.29
CA THR A 220 -12.43 21.26 -8.49
C THR A 220 -12.40 20.17 -9.55
N LYS A 221 -12.94 20.51 -10.73
CA LYS A 221 -12.94 19.63 -11.89
C LYS A 221 -12.23 20.35 -13.03
N VAL A 222 -11.08 19.80 -13.45
CA VAL A 222 -10.23 20.47 -14.42
C VAL A 222 -10.01 19.62 -15.67
N ASP A 223 -10.22 20.24 -16.83
CA ASP A 223 -9.87 19.65 -18.10
C ASP A 223 -8.67 20.40 -18.67
N LYS A 224 -7.63 19.67 -19.04
CA LYS A 224 -6.41 20.28 -19.57
C LYS A 224 -5.97 19.60 -20.86
N ARG A 225 -5.93 20.40 -21.93
CA ARG A 225 -5.52 19.92 -23.25
C ARG A 225 -4.00 19.93 -23.36
N VAL A 226 -3.43 18.78 -23.71
CA VAL A 226 -1.98 18.64 -23.83
C VAL A 226 -1.56 18.81 -25.29
N GLU A 227 -0.83 19.89 -25.57
CA GLU A 227 -0.41 20.23 -26.92
C GLU A 227 1.08 19.94 -27.12
N ILE A 228 1.59 20.26 -28.31
CA ILE A 228 2.99 20.03 -28.63
C ILE A 228 3.85 21.16 -28.06
N ASP B 1 8.62 -9.53 22.67
CA ASP B 1 9.19 -8.58 21.71
C ASP B 1 9.71 -9.31 20.48
N ILE B 2 9.01 -10.36 20.08
CA ILE B 2 9.48 -11.25 19.01
C ILE B 2 9.45 -10.57 17.65
N GLN B 3 10.59 -10.58 16.97
CA GLN B 3 10.72 -10.04 15.63
C GLN B 3 10.53 -11.14 14.59
N VAL B 4 9.85 -10.82 13.49
CA VAL B 4 9.55 -11.79 12.44
C VAL B 4 10.08 -11.29 11.10
N THR B 5 10.97 -12.07 10.51
CA THR B 5 11.61 -11.71 9.25
C THR B 5 11.13 -12.62 8.12
N GLN B 6 10.41 -12.03 7.17
CA GLN B 6 9.84 -12.77 6.04
C GLN B 6 10.69 -12.55 4.79
N SER B 7 10.76 -13.57 3.93
CA SER B 7 11.57 -13.47 2.72
C SER B 7 11.06 -14.38 1.60
N PRO B 8 11.18 -13.94 0.34
CA PRO B 8 11.69 -12.63 -0.09
C PRO B 8 10.64 -11.53 0.05
N SER B 9 11.05 -10.28 -0.09
CA SER B 9 10.10 -9.16 -0.05
C SER B 9 9.17 -9.23 -1.26
N SER B 10 9.68 -9.79 -2.34
CA SER B 10 8.89 -10.02 -3.54
C SER B 10 9.49 -11.16 -4.35
N LEU B 11 8.64 -11.93 -5.02
CA LEU B 11 9.10 -13.01 -5.89
C LEU B 11 8.21 -13.07 -7.13
N SER B 12 8.83 -13.40 -8.25
CA SER B 12 8.11 -13.53 -9.52
C SER B 12 7.90 -15.00 -9.85
N ALA B 13 6.70 -15.31 -10.35
CA ALA B 13 6.37 -16.68 -10.66
C ALA B 13 5.36 -16.75 -11.80
N SER B 14 5.27 -17.92 -12.41
CA SER B 14 4.29 -18.18 -13.46
C SER B 14 3.21 -19.09 -12.93
N VAL B 15 2.03 -19.03 -13.53
CA VAL B 15 0.92 -19.90 -13.17
C VAL B 15 1.37 -21.36 -13.31
N GLY B 16 1.21 -22.13 -12.24
CA GLY B 16 1.60 -23.53 -12.24
C GLY B 16 2.87 -23.79 -11.45
N ASP B 17 3.62 -22.74 -11.17
CA ASP B 17 4.84 -22.86 -10.39
C ASP B 17 4.53 -23.17 -8.93
N THR B 18 5.47 -23.83 -8.26
CA THR B 18 5.40 -23.99 -6.81
C THR B 18 6.25 -22.91 -6.16
N VAL B 19 5.58 -22.00 -5.46
CA VAL B 19 6.26 -20.89 -4.80
C VAL B 19 6.42 -21.20 -3.32
N THR B 20 7.55 -20.78 -2.76
CA THR B 20 7.82 -20.92 -1.33
C THR B 20 8.16 -19.56 -0.72
N ILE B 21 7.70 -19.34 0.51
CA ILE B 21 7.94 -18.10 1.23
C ILE B 21 8.42 -18.42 2.64
N SER B 22 9.63 -17.95 2.97
CA SER B 22 10.24 -18.23 4.25
C SER B 22 9.85 -17.22 5.32
N CYS B 23 9.75 -17.69 6.56
CA CYS B 23 9.44 -16.83 7.70
C CYS B 23 10.29 -17.23 8.90
N ARG B 24 11.19 -16.33 9.31
CA ARG B 24 12.09 -16.58 10.42
C ARG B 24 11.75 -15.69 11.62
N THR B 25 11.97 -16.21 12.82
CA THR B 25 11.66 -15.49 14.06
C THR B 25 12.88 -15.33 14.96
N SER B 26 12.94 -14.22 15.68
CA SER B 26 14.08 -13.89 16.53
C SER B 26 14.27 -14.93 17.64
N GLN B 27 13.20 -15.61 18.01
CA GLN B 27 13.29 -16.70 18.98
C GLN B 27 12.18 -17.72 18.72
N SER B 28 12.25 -18.86 19.42
CA SER B 28 11.34 -19.96 19.18
C SER B 28 9.89 -19.59 19.48
N ILE B 29 8.99 -20.02 18.60
CA ILE B 29 7.55 -19.77 18.74
C ILE B 29 6.75 -21.07 18.65
N SER B 30 7.43 -22.19 18.88
CA SER B 30 6.81 -23.50 18.80
C SER B 30 6.17 -23.72 17.43
N THR B 31 4.84 -23.72 17.36
CA THR B 31 4.11 -23.95 16.11
C THR B 31 3.09 -22.84 15.87
N TRP B 32 3.23 -21.74 16.60
CA TRP B 32 2.22 -20.70 16.59
C TRP B 32 2.49 -19.64 15.51
N LEU B 33 2.43 -20.07 14.26
CA LEU B 33 2.56 -19.16 13.13
C LEU B 33 1.31 -19.20 12.26
N ALA B 34 0.86 -18.03 11.82
CA ALA B 34 -0.28 -17.91 10.92
C ALA B 34 0.16 -17.28 9.60
N TRP B 35 -0.56 -17.59 8.53
CA TRP B 35 -0.30 -17.01 7.22
C TRP B 35 -1.54 -16.33 6.68
N TYR B 36 -1.35 -15.18 6.02
CA TYR B 36 -2.46 -14.37 5.55
C TYR B 36 -2.29 -13.94 4.10
N GLN B 37 -3.40 -13.94 3.36
CA GLN B 37 -3.45 -13.42 2.01
C GLN B 37 -4.11 -12.05 2.03
N VAL B 38 -3.51 -11.07 1.36
CA VAL B 38 -4.09 -9.74 1.27
C VAL B 38 -4.04 -9.25 -0.17
N LYS B 39 -5.22 -9.09 -0.77
CA LYS B 39 -5.35 -8.55 -2.11
C LYS B 39 -5.85 -7.12 -2.00
N PRO B 40 -5.42 -6.24 -2.91
CA PRO B 40 -5.77 -4.82 -2.81
C PRO B 40 -7.27 -4.56 -2.78
N GLY B 41 -7.72 -3.79 -1.80
CA GLY B 41 -9.13 -3.49 -1.65
C GLY B 41 -9.93 -4.73 -1.29
N LYS B 42 -9.31 -5.62 -0.52
CA LYS B 42 -9.95 -6.86 -0.09
C LYS B 42 -9.61 -7.13 1.37
N ALA B 43 -10.52 -7.81 2.07
CA ALA B 43 -10.29 -8.15 3.47
C ALA B 43 -9.21 -9.24 3.57
N PRO B 44 -8.24 -9.07 4.49
CA PRO B 44 -7.24 -10.12 4.67
C PRO B 44 -7.86 -11.47 4.99
N LYS B 45 -7.25 -12.55 4.50
CA LYS B 45 -7.81 -13.88 4.62
C LYS B 45 -6.83 -14.86 5.26
N LEU B 46 -7.27 -15.53 6.32
CA LEU B 46 -6.46 -16.54 6.98
C LEU B 46 -6.27 -17.75 6.06
N LEU B 47 -5.01 -18.08 5.77
CA LEU B 47 -4.69 -19.24 4.97
C LEU B 47 -4.38 -20.44 5.86
N ILE B 48 -3.43 -20.24 6.76
CA ILE B 48 -2.90 -21.32 7.59
C ILE B 48 -2.70 -20.84 9.02
N TYR B 49 -2.96 -21.74 9.97
CA TYR B 49 -2.69 -21.50 11.39
C TYR B 49 -2.04 -22.74 11.99
N THR B 50 -1.48 -22.60 13.19
CA THR B 50 -0.71 -23.67 13.83
C THR B 50 0.40 -24.14 12.89
N ALA B 51 0.92 -23.20 12.09
CA ALA B 51 2.03 -23.43 11.17
C ALA B 51 1.69 -24.32 9.96
N SER B 52 0.73 -25.23 10.10
CA SER B 52 0.45 -26.19 9.03
C SER B 52 -1.02 -26.55 8.90
N SER B 53 -1.87 -26.00 9.77
CA SER B 53 -3.30 -26.31 9.71
C SER B 53 -4.00 -25.39 8.70
N LEU B 54 -4.62 -26.00 7.69
CA LEU B 54 -5.29 -25.25 6.65
C LEU B 54 -6.64 -24.72 7.14
N ALA B 55 -6.82 -23.40 7.04
CA ALA B 55 -8.06 -22.77 7.48
C ALA B 55 -9.23 -23.16 6.58
N SER B 56 -10.44 -23.06 7.12
CA SER B 56 -11.64 -23.44 6.39
C SER B 56 -11.85 -22.58 5.15
N GLY B 57 -12.16 -23.23 4.03
CA GLY B 57 -12.45 -22.54 2.79
C GLY B 57 -11.20 -22.18 2.00
N VAL B 58 -10.05 -22.68 2.44
CA VAL B 58 -8.79 -22.44 1.75
C VAL B 58 -8.47 -23.64 0.85
N PRO B 59 -8.03 -23.38 -0.39
CA PRO B 59 -7.67 -24.50 -1.27
C PRO B 59 -6.49 -25.32 -0.76
N SER B 60 -6.39 -26.57 -1.22
CA SER B 60 -5.31 -27.46 -0.81
C SER B 60 -3.96 -27.02 -1.37
N ARG B 61 -3.99 -26.10 -2.33
CA ARG B 61 -2.77 -25.60 -2.95
C ARG B 61 -1.81 -25.02 -1.90
N PHE B 62 -2.38 -24.36 -0.89
CA PHE B 62 -1.59 -23.77 0.16
C PHE B 62 -1.20 -24.82 1.20
N SER B 63 0.05 -24.76 1.64
CA SER B 63 0.58 -25.66 2.66
C SER B 63 1.61 -24.94 3.50
N GLY B 64 1.61 -25.24 4.80
CA GLY B 64 2.55 -24.64 5.73
C GLY B 64 3.36 -25.70 6.46
N SER B 65 4.54 -25.32 6.92
CA SER B 65 5.39 -26.24 7.66
C SER B 65 6.43 -25.49 8.47
N GLY B 66 7.03 -26.17 9.44
CA GLY B 66 8.10 -25.62 10.24
C GLY B 66 7.74 -25.51 11.70
N SER B 67 8.75 -25.25 12.53
CA SER B 67 8.56 -25.05 13.95
C SER B 67 9.75 -24.28 14.50
N GLY B 68 9.66 -23.85 15.76
CA GLY B 68 10.75 -23.13 16.38
C GLY B 68 10.99 -21.78 15.76
N THR B 69 11.97 -21.70 14.85
CA THR B 69 12.37 -20.44 14.27
C THR B 69 12.28 -20.40 12.74
N ASP B 70 12.14 -21.57 12.12
CA ASP B 70 12.10 -21.66 10.67
C ASP B 70 10.74 -22.15 10.18
N PHE B 71 10.12 -21.38 9.29
CA PHE B 71 8.80 -21.72 8.75
C PHE B 71 8.73 -21.44 7.25
N THR B 72 7.76 -22.07 6.58
CA THR B 72 7.64 -21.94 5.13
C THR B 72 6.19 -22.08 4.66
N LEU B 73 5.77 -21.14 3.82
CA LEU B 73 4.48 -21.23 3.13
C LEU B 73 4.69 -21.70 1.70
N THR B 74 3.99 -22.76 1.31
CA THR B 74 4.12 -23.30 -0.03
C THR B 74 2.77 -23.29 -0.77
N ILE B 75 2.77 -22.68 -1.96
CA ILE B 75 1.60 -22.71 -2.84
C ILE B 75 1.92 -23.56 -4.06
N SER B 76 1.43 -24.80 -4.05
CA SER B 76 1.65 -25.72 -5.17
C SER B 76 0.76 -25.33 -6.34
N SER B 77 1.35 -25.29 -7.54
CA SER B 77 0.62 -24.93 -8.75
C SER B 77 -0.08 -23.59 -8.58
N LEU B 78 0.71 -22.52 -8.62
CA LEU B 78 0.19 -21.17 -8.42
C LEU B 78 -0.96 -20.85 -9.37
N GLN B 79 -1.99 -20.21 -8.83
CA GLN B 79 -3.15 -19.81 -9.63
C GLN B 79 -3.12 -18.31 -9.91
N SER B 80 -3.94 -17.87 -10.84
CA SER B 80 -4.00 -16.46 -11.20
C SER B 80 -4.49 -15.61 -10.03
N GLU B 81 -5.42 -16.16 -9.25
CA GLU B 81 -5.99 -15.44 -8.13
C GLU B 81 -5.01 -15.37 -6.95
N ASP B 82 -3.98 -16.21 -7.00
CA ASP B 82 -3.01 -16.27 -5.91
C ASP B 82 -2.01 -15.11 -5.96
N PHE B 83 -1.95 -14.41 -7.08
CA PHE B 83 -1.06 -13.27 -7.20
C PHE B 83 -1.49 -12.15 -6.26
N ALA B 84 -0.75 -11.99 -5.17
CA ALA B 84 -1.09 -11.03 -4.13
C ALA B 84 0.05 -10.90 -3.12
N THR B 85 -0.23 -10.28 -1.97
CA THR B 85 0.76 -10.13 -0.91
C THR B 85 0.46 -11.09 0.24
N TYR B 86 1.51 -11.71 0.78
CA TYR B 86 1.37 -12.71 1.83
C TYR B 86 2.14 -12.34 3.09
N TYR B 87 1.48 -12.46 4.24
CA TYR B 87 2.07 -12.10 5.53
C TYR B 87 2.13 -13.30 6.47
N CYS B 88 3.23 -13.42 7.21
CA CYS B 88 3.35 -14.39 8.29
C CYS B 88 3.14 -13.68 9.61
N GLN B 89 2.77 -14.43 10.64
CA GLN B 89 2.45 -13.85 11.94
C GLN B 89 2.64 -14.86 13.07
N GLN B 90 3.43 -14.49 14.07
CA GLN B 90 3.60 -15.32 15.27
C GLN B 90 2.59 -14.91 16.32
N TYR B 91 2.26 -15.82 17.23
CA TYR B 91 1.35 -15.52 18.32
C TYR B 91 1.58 -16.45 19.51
N ILE B 92 2.83 -16.82 19.75
CA ILE B 92 3.17 -17.60 20.93
C ILE B 92 3.06 -16.72 22.17
N SER B 93 3.41 -15.44 22.00
CA SER B 93 3.41 -14.50 23.12
C SER B 93 2.98 -13.11 22.68
N LEU B 94 2.48 -12.34 23.66
CA LEU B 94 2.03 -10.98 23.43
C LEU B 94 3.22 -10.05 23.23
N PRO B 95 3.14 -9.13 22.25
CA PRO B 95 2.06 -8.90 21.28
C PRO B 95 2.24 -9.71 20.00
N PRO B 96 1.14 -10.03 19.31
CA PRO B 96 1.27 -10.63 17.98
C PRO B 96 2.05 -9.73 17.02
N THR B 97 2.96 -10.32 16.26
CA THR B 97 3.80 -9.56 15.34
C THR B 97 3.81 -10.20 13.96
N PHE B 98 3.73 -9.36 12.92
CA PHE B 98 3.67 -9.81 11.54
C PHE B 98 5.01 -9.61 10.83
N GLY B 99 5.21 -10.37 9.75
CA GLY B 99 6.30 -10.12 8.84
C GLY B 99 5.94 -8.95 7.95
N LEU B 100 6.92 -8.41 7.23
CA LEU B 100 6.67 -7.22 6.41
C LEU B 100 6.05 -7.57 5.05
N GLY B 101 5.89 -8.86 4.78
CA GLY B 101 5.14 -9.31 3.63
C GLY B 101 5.96 -9.74 2.43
N THR B 102 5.37 -10.61 1.62
CA THR B 102 5.96 -11.06 0.36
C THR B 102 4.97 -10.82 -0.77
N LYS B 103 5.39 -10.03 -1.76
CA LYS B 103 4.53 -9.72 -2.90
C LYS B 103 4.78 -10.69 -4.05
N VAL B 104 3.83 -11.58 -4.29
CA VAL B 104 3.91 -12.51 -5.41
C VAL B 104 3.45 -11.80 -6.67
N GLU B 105 4.32 -11.77 -7.68
CA GLU B 105 4.05 -11.06 -8.92
C GLU B 105 4.23 -11.97 -10.13
N ILE B 106 3.77 -11.51 -11.28
CA ILE B 106 3.75 -12.32 -12.50
C ILE B 106 5.09 -12.25 -13.23
N LYS B 107 5.69 -13.42 -13.46
CA LYS B 107 6.96 -13.49 -14.18
C LYS B 107 6.72 -13.13 -15.64
N ARG B 108 7.71 -12.49 -16.26
CA ARG B 108 7.52 -11.91 -17.58
C ARG B 108 8.87 -11.77 -18.30
N ALA B 109 8.82 -11.76 -19.62
CA ALA B 109 10.02 -11.55 -20.42
C ALA B 109 10.62 -10.17 -20.16
N VAL B 110 11.92 -10.07 -20.32
CA VAL B 110 12.62 -8.80 -20.12
C VAL B 110 12.14 -7.78 -21.14
N ALA B 111 11.85 -6.57 -20.66
CA ALA B 111 11.41 -5.49 -21.52
C ALA B 111 12.12 -4.19 -21.14
N ALA B 112 12.85 -3.62 -22.10
CA ALA B 112 13.53 -2.35 -21.90
C ALA B 112 12.50 -1.24 -21.74
N PRO B 113 12.82 -0.22 -20.92
CA PRO B 113 11.89 0.90 -20.75
C PRO B 113 11.98 1.90 -21.89
N SER B 114 10.85 2.53 -22.21
CA SER B 114 10.83 3.65 -23.13
C SER B 114 10.95 4.93 -22.32
N VAL B 115 12.02 5.68 -22.55
CA VAL B 115 12.32 6.86 -21.74
C VAL B 115 11.77 8.13 -22.39
N PHE B 116 11.21 9.00 -21.56
CA PHE B 116 10.71 10.30 -21.99
C PHE B 116 10.97 11.34 -20.92
N ILE B 117 11.51 12.49 -21.33
CA ILE B 117 11.70 13.61 -20.41
C ILE B 117 10.69 14.70 -20.74
N PHE B 118 10.20 15.40 -19.71
CA PHE B 118 9.19 16.43 -19.88
C PHE B 118 9.63 17.74 -19.23
N PRO B 119 9.91 18.76 -20.05
CA PRO B 119 10.24 20.07 -19.46
C PRO B 119 9.01 20.70 -18.81
N PRO B 120 9.22 21.61 -17.84
CA PRO B 120 8.10 22.26 -17.16
C PRO B 120 7.31 23.18 -18.09
N SER B 121 6.05 23.44 -17.74
CA SER B 121 5.20 24.33 -18.52
C SER B 121 5.41 25.78 -18.10
N GLU B 122 5.07 26.71 -18.99
CA GLU B 122 5.17 28.12 -18.68
C GLU B 122 4.25 28.48 -17.51
N ASP B 123 3.13 27.78 -17.41
CA ASP B 123 2.20 27.98 -16.30
C ASP B 123 2.86 27.66 -14.96
N GLN B 124 3.56 26.54 -14.90
CA GLN B 124 4.21 26.12 -13.67
C GLN B 124 5.39 27.03 -13.34
N VAL B 125 6.01 27.60 -14.37
CA VAL B 125 7.09 28.56 -14.16
C VAL B 125 6.55 29.78 -13.40
N LYS B 126 5.32 30.17 -13.71
CA LYS B 126 4.69 31.30 -13.03
C LYS B 126 4.33 30.94 -11.60
N SER B 127 4.37 29.64 -11.28
CA SER B 127 4.04 29.17 -9.95
C SER B 127 5.21 29.41 -8.99
N GLY B 128 6.42 29.48 -9.54
CA GLY B 128 7.62 29.68 -8.75
C GLY B 128 8.34 28.37 -8.46
N THR B 129 7.62 27.27 -8.62
CA THR B 129 8.18 25.94 -8.41
C THR B 129 7.90 25.04 -9.61
N VAL B 130 8.96 24.65 -10.31
CA VAL B 130 8.83 23.85 -11.51
C VAL B 130 9.10 22.37 -11.24
N SER B 131 8.52 21.52 -12.07
CA SER B 131 8.72 20.07 -11.95
C SER B 131 9.23 19.49 -13.27
N VAL B 132 10.34 18.77 -13.20
CA VAL B 132 10.89 18.07 -14.36
C VAL B 132 10.57 16.58 -14.22
N VAL B 133 9.79 16.06 -15.16
CA VAL B 133 9.32 14.69 -15.08
C VAL B 133 10.05 13.79 -16.08
N CYS B 134 10.60 12.68 -15.59
CA CYS B 134 11.16 11.64 -16.45
C CYS B 134 10.29 10.39 -16.33
N LEU B 135 9.95 9.81 -17.48
CA LEU B 135 9.06 8.66 -17.54
C LEU B 135 9.78 7.42 -18.06
N LEU B 136 9.71 6.34 -17.30
CA LEU B 136 10.16 5.03 -17.75
C LEU B 136 8.94 4.15 -17.96
N ASN B 137 8.64 3.84 -19.22
CA ASN B 137 7.37 3.22 -19.57
C ASN B 137 7.47 1.76 -19.99
N ASN B 138 6.62 0.93 -19.39
CA ASN B 138 6.47 -0.49 -19.76
C ASN B 138 7.76 -1.27 -19.81
N PHE B 139 8.30 -1.60 -18.64
CA PHE B 139 9.54 -2.34 -18.54
C PHE B 139 9.44 -3.47 -17.51
N TYR B 140 10.30 -4.48 -17.67
CA TYR B 140 10.36 -5.60 -16.74
C TYR B 140 11.79 -6.14 -16.72
N PRO B 141 12.33 -6.44 -15.52
CA PRO B 141 11.69 -6.38 -14.20
C PRO B 141 11.61 -4.97 -13.63
N ARG B 142 11.18 -4.87 -12.37
CA ARG B 142 10.93 -3.59 -11.71
C ARG B 142 12.21 -2.81 -11.45
N GLU B 143 13.28 -3.52 -11.09
CA GLU B 143 14.54 -2.89 -10.72
C GLU B 143 15.11 -2.03 -11.84
N ALA B 144 15.25 -0.74 -11.58
CA ALA B 144 15.80 0.20 -12.54
C ALA B 144 16.51 1.34 -11.83
N SER B 145 17.18 2.19 -12.60
CA SER B 145 17.97 3.30 -12.05
C SER B 145 17.74 4.59 -12.83
N VAL B 146 17.47 5.66 -12.10
CA VAL B 146 17.27 6.98 -12.71
C VAL B 146 18.12 8.01 -11.99
N LYS B 147 18.91 8.76 -12.76
CA LYS B 147 19.75 9.82 -12.23
C LYS B 147 19.46 11.13 -12.95
N TRP B 148 19.49 12.24 -12.20
CA TRP B 148 19.22 13.55 -12.77
C TRP B 148 20.50 14.36 -12.93
N LYS B 149 20.67 14.94 -14.12
CA LYS B 149 21.85 15.73 -14.44
C LYS B 149 21.48 17.16 -14.84
N VAL B 150 22.06 18.13 -14.14
CA VAL B 150 21.86 19.55 -14.47
C VAL B 150 23.19 20.19 -14.87
N ASP B 151 23.28 20.64 -16.11
CA ASP B 151 24.51 21.16 -16.68
C ASP B 151 25.66 20.16 -16.44
N GLY B 152 25.39 18.89 -16.71
CA GLY B 152 26.40 17.85 -16.61
C GLY B 152 26.65 17.35 -15.18
N VAL B 153 26.11 18.06 -14.20
CA VAL B 153 26.35 17.73 -12.80
C VAL B 153 25.22 16.87 -12.22
N LEU B 154 25.60 15.88 -11.42
CA LEU B 154 24.64 14.99 -10.78
C LEU B 154 23.80 15.75 -9.76
N LYS B 155 22.48 15.62 -9.86
CA LYS B 155 21.56 16.29 -8.95
C LYS B 155 20.90 15.28 -8.02
N THR B 156 21.45 15.15 -6.82
CA THR B 156 20.89 14.25 -5.81
C THR B 156 19.92 15.01 -4.90
N GLY B 157 18.92 14.31 -4.39
CA GLY B 157 17.91 14.91 -3.56
C GLY B 157 16.91 15.71 -4.38
N ASN B 158 15.84 16.16 -3.74
CA ASN B 158 14.76 16.89 -4.40
C ASN B 158 14.15 16.09 -5.56
N SER B 159 14.32 14.77 -5.50
CA SER B 159 13.72 13.87 -6.48
C SER B 159 12.78 12.90 -5.78
N GLN B 160 11.70 12.55 -6.47
CA GLN B 160 10.74 11.58 -5.96
C GLN B 160 10.31 10.63 -7.06
N GLU B 161 10.50 9.33 -6.81
CA GLU B 161 10.10 8.30 -7.77
C GLU B 161 8.77 7.68 -7.36
N SER B 162 8.00 7.26 -8.36
CA SER B 162 6.74 6.57 -8.14
C SER B 162 6.63 5.44 -9.17
N VAL B 163 6.07 4.31 -8.76
CA VAL B 163 6.01 3.13 -9.61
C VAL B 163 4.60 2.55 -9.62
N THR B 164 4.12 2.23 -10.82
CA THR B 164 2.80 1.62 -10.96
C THR B 164 2.86 0.15 -10.60
N GLU B 165 1.69 -0.44 -10.37
CA GLU B 165 1.59 -1.88 -10.20
C GLU B 165 1.71 -2.54 -11.55
N GLN B 166 1.95 -3.85 -11.55
CA GLN B 166 2.13 -4.60 -12.78
C GLN B 166 0.90 -4.45 -13.68
N ASP B 167 1.11 -3.97 -14.90
CA ASP B 167 0.02 -3.67 -15.82
C ASP B 167 -0.81 -4.91 -16.13
N SER B 168 -2.11 -4.73 -16.22
CA SER B 168 -3.04 -5.85 -16.37
C SER B 168 -2.88 -6.56 -17.72
N LYS B 169 -2.39 -5.84 -18.72
CA LYS B 169 -2.27 -6.41 -20.06
C LYS B 169 -0.92 -7.08 -20.31
N ASP B 170 0.16 -6.32 -20.23
CA ASP B 170 1.49 -6.83 -20.57
C ASP B 170 2.36 -7.16 -19.36
N ASN B 171 1.80 -6.99 -18.16
CA ASN B 171 2.52 -7.30 -16.91
C ASN B 171 3.83 -6.53 -16.76
N THR B 172 3.88 -5.34 -17.36
CA THR B 172 5.06 -4.49 -17.25
C THR B 172 4.88 -3.46 -16.14
N TYR B 173 5.96 -2.76 -15.81
CA TYR B 173 5.93 -1.66 -14.86
C TYR B 173 6.21 -0.35 -15.58
N SER B 174 5.69 0.74 -15.01
CA SER B 174 6.06 2.08 -15.46
C SER B 174 6.50 2.89 -14.25
N LEU B 175 7.39 3.84 -14.49
CA LEU B 175 7.99 4.62 -13.41
C LEU B 175 8.05 6.09 -13.78
N SER B 176 7.71 6.94 -12.82
CA SER B 176 7.86 8.38 -12.97
C SER B 176 8.93 8.89 -12.01
N SER B 177 9.81 9.75 -12.53
CA SER B 177 10.80 10.42 -11.70
C SER B 177 10.59 11.92 -11.83
N THR B 178 10.26 12.58 -10.72
CA THR B 178 9.93 13.99 -10.74
C THR B 178 10.95 14.80 -9.97
N LEU B 179 11.61 15.73 -10.67
CA LEU B 179 12.58 16.63 -10.07
C LEU B 179 11.96 18.01 -9.86
N THR B 180 11.67 18.34 -8.60
CA THR B 180 11.08 19.63 -8.27
C THR B 180 12.16 20.65 -7.94
N LEU B 181 12.13 21.78 -8.63
CA LEU B 181 13.14 22.82 -8.48
C LEU B 181 12.51 24.20 -8.29
N SER B 182 13.27 25.09 -7.66
CA SER B 182 12.90 26.49 -7.60
C SER B 182 13.01 27.08 -8.99
N ASN B 183 12.17 28.06 -9.30
CA ASN B 183 12.21 28.66 -10.63
C ASN B 183 13.55 29.34 -10.88
N THR B 184 14.04 30.08 -9.90
CA THR B 184 15.33 30.75 -10.01
C THR B 184 16.43 29.73 -10.23
N ASP B 185 16.33 28.60 -9.54
CA ASP B 185 17.29 27.51 -9.71
C ASP B 185 17.17 26.91 -11.11
N TYR B 186 15.94 26.84 -11.61
CA TYR B 186 15.69 26.27 -12.92
C TYR B 186 16.17 27.17 -14.05
N GLN B 187 15.88 28.47 -13.94
CA GLN B 187 16.24 29.42 -14.98
C GLN B 187 17.74 29.70 -15.02
N SER B 188 18.46 29.23 -14.01
CA SER B 188 19.90 29.50 -13.89
C SER B 188 20.74 28.38 -14.51
N HIS B 189 20.10 27.27 -14.85
CA HIS B 189 20.76 26.17 -15.55
C HIS B 189 20.04 25.91 -16.88
N ASN B 190 20.72 25.24 -17.80
CA ASN B 190 20.25 25.14 -19.17
C ASN B 190 19.76 23.75 -19.55
N VAL B 191 20.63 22.75 -19.38
CA VAL B 191 20.34 21.39 -19.83
C VAL B 191 19.94 20.49 -18.66
N TYR B 192 18.88 19.73 -18.89
CA TYR B 192 18.34 18.82 -17.89
C TYR B 192 18.22 17.41 -18.48
N ALA B 193 19.05 16.50 -17.97
CA ALA B 193 19.13 15.15 -18.52
C ALA B 193 18.63 14.10 -17.53
N CYS B 194 18.04 13.05 -18.08
CA CYS B 194 17.54 11.92 -17.28
C CYS B 194 18.22 10.63 -17.74
N GLU B 195 19.20 10.17 -16.98
CA GLU B 195 19.94 8.96 -17.33
C GLU B 195 19.24 7.73 -16.76
N VAL B 196 18.96 6.76 -17.63
CA VAL B 196 18.22 5.56 -17.26
C VAL B 196 19.06 4.31 -17.50
N THR B 197 19.01 3.39 -16.55
CA THR B 197 19.72 2.12 -16.67
C THR B 197 18.78 0.96 -16.34
N HIS B 198 18.86 -0.10 -17.12
CA HIS B 198 17.99 -1.27 -16.95
C HIS B 198 18.57 -2.45 -17.71
N GLN B 199 18.39 -3.66 -17.19
CA GLN B 199 19.01 -4.85 -17.77
C GLN B 199 18.52 -5.10 -19.19
N GLY B 200 17.37 -4.53 -19.54
CA GLY B 200 16.84 -4.62 -20.88
C GLY B 200 17.58 -3.71 -21.84
N LEU B 201 18.32 -2.75 -21.28
CA LEU B 201 19.10 -1.81 -22.08
C LEU B 201 20.54 -2.29 -22.25
N SER B 202 21.04 -2.23 -23.48
CA SER B 202 22.42 -2.61 -23.76
C SER B 202 23.38 -1.50 -23.33
N SER B 203 22.82 -0.35 -22.94
CA SER B 203 23.62 0.79 -22.51
C SER B 203 22.71 1.82 -21.83
N PRO B 204 23.25 2.61 -20.89
CA PRO B 204 22.42 3.62 -20.23
C PRO B 204 21.84 4.66 -21.19
N VAL B 205 20.51 4.79 -21.17
CA VAL B 205 19.80 5.73 -22.02
C VAL B 205 19.69 7.10 -21.33
N THR B 206 19.87 8.16 -22.11
CA THR B 206 19.78 9.53 -21.59
C THR B 206 18.88 10.39 -22.46
N LYS B 207 17.74 10.79 -21.89
CA LYS B 207 16.86 11.76 -22.52
C LYS B 207 17.04 13.11 -21.83
N SER B 208 17.17 14.17 -22.64
CA SER B 208 17.45 15.50 -22.11
C SER B 208 16.85 16.60 -22.97
N PHE B 209 16.80 17.81 -22.41
CA PHE B 209 16.35 18.99 -23.15
C PHE B 209 17.14 20.22 -22.74
N ASN B 210 17.19 21.20 -23.64
CA ASN B 210 17.84 22.48 -23.37
C ASN B 210 16.82 23.58 -23.15
N ARG B 211 16.77 24.11 -21.92
CA ARG B 211 15.80 25.13 -21.55
C ARG B 211 15.80 26.32 -22.52
N LEU C 2 -8.35 -11.83 36.22
CA LEU C 2 -9.66 -11.91 35.59
C LEU C 2 -9.54 -12.07 34.07
N LEU C 3 -8.44 -11.56 33.52
CA LEU C 3 -8.22 -11.63 32.08
C LEU C 3 -8.06 -13.09 31.63
N GLU C 4 -7.15 -13.79 32.28
N GLU C 4 -7.15 -13.80 32.29
CA GLU C 4 -6.93 -15.21 32.01
CA GLU C 4 -6.94 -15.21 32.00
C GLU C 4 -8.21 -16.00 32.27
C GLU C 4 -8.21 -16.00 32.28
N LEU C 5 -8.96 -15.57 33.29
CA LEU C 5 -10.19 -16.24 33.67
C LEU C 5 -11.23 -16.11 32.57
N ASP C 6 -11.37 -14.90 32.02
CA ASP C 6 -12.25 -14.66 30.88
C ASP C 6 -11.84 -15.52 29.69
N LYS C 7 -10.54 -15.57 29.45
CA LYS C 7 -9.96 -16.33 28.34
C LYS C 7 -10.39 -17.79 28.38
N TRP C 8 -10.22 -18.42 29.55
CA TRP C 8 -10.57 -19.83 29.71
C TRP C 8 -12.08 -20.05 29.65
N ALA C 9 -12.84 -19.10 30.20
CA ALA C 9 -14.29 -19.17 30.16
C ALA C 9 -14.79 -19.18 28.73
N SER C 10 -14.09 -18.46 27.85
CA SER C 10 -14.46 -18.39 26.45
C SER C 10 -14.35 -19.75 25.77
N LEU C 11 -13.29 -20.48 26.09
CA LEU C 11 -12.98 -21.72 25.41
C LEU C 11 -13.92 -22.86 25.81
N TRP C 12 -14.42 -22.82 27.04
CA TRP C 12 -15.34 -23.86 27.52
C TRP C 12 -16.78 -23.52 27.13
#